data_3HS3
#
_entry.id   3HS3
#
_cell.length_a   59.597
_cell.length_b   70.224
_cell.length_c   139.439
_cell.angle_alpha   90.00
_cell.angle_beta   90.00
_cell.angle_gamma   90.00
#
_symmetry.space_group_name_H-M   'P 21 21 21'
#
loop_
_entity.id
_entity.type
_entity.pdbx_description
1 polymer 'Ribose operon repressor'
2 water water
#
_entity_poly.entity_id   1
_entity_poly.type   'polypeptide(L)'
_entity_poly.pdbx_seq_one_letter_code
;MSLTLYQKKSKMIGIIIPDLNNRFYAQIIDGIQEVIQKEGYTALISFSTNSDVKKYQNAIINFENNNVDGIITSAFTIPP
NFHLNTPLVMYDSANINDDIVRIVSNNTKGGKESIKLLSKKIEKVLIQHWPLSLPTIRERIEAMTAEASKLKIDYLLEET
PENNPYISAQSALNKSNQFDAIITVNDLYAAEIIKEAKRRNLKIPDDFQLVGYDNNILCGYTSPTISTIDQNPKLIGQTA
AHRLLDLMSGNNSTRNSIIDVLPIKRDSTEGHHHHHH
;
_entity_poly.pdbx_strand_id   A,B
#
# COMPACT_ATOMS: atom_id res chain seq x y z
N LYS A 8 16.03 -4.97 -31.42
CA LYS A 8 15.64 -3.54 -31.20
C LYS A 8 14.80 -3.38 -29.93
N LYS A 9 13.51 -3.67 -30.04
CA LYS A 9 12.60 -3.54 -28.91
C LYS A 9 12.57 -4.75 -27.99
N SER A 10 12.60 -4.49 -26.68
CA SER A 10 12.58 -5.53 -25.67
C SER A 10 11.18 -5.66 -25.07
N LYS A 11 10.37 -4.64 -25.28
CA LYS A 11 9.01 -4.60 -24.75
C LYS A 11 9.04 -4.58 -23.23
N MET A 12 10.11 -4.00 -22.68
CA MET A 12 10.29 -3.85 -21.23
C MET A 12 10.38 -2.35 -20.95
N ILE A 13 9.80 -1.93 -19.83
CA ILE A 13 9.84 -0.53 -19.42
C ILE A 13 10.47 -0.49 -18.04
N GLY A 14 11.55 0.27 -17.90
CA GLY A 14 12.19 0.36 -16.60
C GLY A 14 11.43 1.33 -15.72
N ILE A 15 11.21 0.96 -14.46
CA ILE A 15 10.51 1.83 -13.53
C ILE A 15 11.27 1.89 -12.22
N ILE A 16 11.45 3.10 -11.69
CA ILE A 16 12.12 3.25 -10.41
C ILE A 16 11.08 3.78 -9.42
N ILE A 17 10.96 3.10 -8.28
CA ILE A 17 10.02 3.51 -7.24
C ILE A 17 10.80 3.65 -5.94
N PRO A 18 10.66 4.81 -5.27
CA PRO A 18 11.35 5.09 -4.01
C PRO A 18 10.78 4.47 -2.73
N ASP A 19 9.47 4.58 -2.51
CA ASP A 19 8.88 3.99 -1.30
C ASP A 19 7.76 3.02 -1.64
N LEU A 20 8.12 1.75 -1.74
CA LEU A 20 7.19 0.68 -2.06
C LEU A 20 6.02 0.54 -1.09
N ASN A 21 6.26 0.83 0.18
CA ASN A 21 5.22 0.70 1.20
C ASN A 21 4.24 1.87 1.29
N ASN A 22 4.48 2.91 0.51
CA ASN A 22 3.58 4.07 0.52
C ASN A 22 2.52 3.81 -0.54
N ARG A 23 1.25 3.82 -0.14
CA ARG A 23 0.18 3.58 -1.09
C ARG A 23 0.20 4.60 -2.23
N PHE A 24 0.88 5.73 -2.03
CA PHE A 24 0.95 6.74 -3.08
C PHE A 24 1.70 6.18 -4.29
N TYR A 25 2.86 5.57 -4.04
CA TYR A 25 3.65 4.99 -5.11
C TYR A 25 3.02 3.70 -5.63
N ALA A 26 2.32 2.99 -4.75
CA ALA A 26 1.67 1.75 -5.16
C ALA A 26 0.63 2.09 -6.23
N GLN A 27 -0.11 3.17 -6.02
CA GLN A 27 -1.14 3.58 -6.96
C GLN A 27 -0.55 4.14 -8.25
N ILE A 28 0.63 4.76 -8.17
CA ILE A 28 1.27 5.29 -9.38
C ILE A 28 1.69 4.10 -10.25
N ILE A 29 2.28 3.09 -9.63
CA ILE A 29 2.70 1.90 -10.38
C ILE A 29 1.48 1.18 -10.97
N ASP A 30 0.39 1.14 -10.22
CA ASP A 30 -0.83 0.50 -10.72
C ASP A 30 -1.27 1.22 -11.98
N GLY A 31 -1.16 2.55 -11.96
CA GLY A 31 -1.55 3.33 -13.13
C GLY A 31 -0.65 3.06 -14.32
N ILE A 32 0.65 2.96 -14.06
CA ILE A 32 1.61 2.69 -15.12
C ILE A 32 1.37 1.32 -15.75
N GLN A 33 1.31 0.28 -14.92
CA GLN A 33 1.13 -1.07 -15.47
C GLN A 33 -0.16 -1.26 -16.25
N GLU A 34 -1.22 -0.61 -15.81
CA GLU A 34 -2.50 -0.72 -16.47
C GLU A 34 -2.34 -0.29 -17.93
N VAL A 35 -1.64 0.82 -18.14
CA VAL A 35 -1.43 1.35 -19.48
C VAL A 35 -0.42 0.57 -20.32
N ILE A 36 0.75 0.30 -19.76
CA ILE A 36 1.76 -0.40 -20.54
C ILE A 36 1.51 -1.90 -20.76
N GLN A 37 0.89 -2.58 -19.81
CA GLN A 37 0.64 -4.01 -20.02
C GLN A 37 -0.36 -4.22 -21.14
N LYS A 38 -1.27 -3.27 -21.33
CA LYS A 38 -2.26 -3.38 -22.39
C LYS A 38 -1.57 -3.34 -23.75
N GLU A 39 -0.39 -2.73 -23.78
CA GLU A 39 0.38 -2.61 -25.01
C GLU A 39 1.46 -3.68 -25.14
N GLY A 40 1.38 -4.70 -24.29
CA GLY A 40 2.35 -5.78 -24.34
C GLY A 40 3.68 -5.57 -23.67
N TYR A 41 3.80 -4.53 -22.84
CA TYR A 41 5.05 -4.25 -22.13
C TYR A 41 5.07 -4.90 -20.75
N THR A 42 6.27 -5.21 -20.27
CA THR A 42 6.43 -5.78 -18.94
C THR A 42 7.31 -4.81 -18.17
N ALA A 43 6.96 -4.58 -16.90
CA ALA A 43 7.71 -3.66 -16.07
C ALA A 43 8.96 -4.27 -15.45
N LEU A 44 10.08 -3.59 -15.61
CA LEU A 44 11.35 -4.00 -15.03
C LEU A 44 11.50 -2.95 -13.93
N ILE A 45 11.27 -3.35 -12.69
CA ILE A 45 11.29 -2.40 -11.58
C ILE A 45 12.46 -2.47 -10.62
N SER A 46 13.05 -1.31 -10.35
CA SER A 46 14.15 -1.21 -9.41
C SER A 46 13.65 -0.41 -8.22
N PHE A 47 13.89 -0.94 -7.02
CA PHE A 47 13.45 -0.29 -5.79
C PHE A 47 14.65 0.41 -5.16
N SER A 48 14.49 1.69 -4.86
CA SER A 48 15.59 2.46 -4.28
C SER A 48 15.65 2.36 -2.76
N THR A 49 16.87 2.40 -2.24
CA THR A 49 17.09 2.32 -0.79
C THR A 49 17.02 3.72 -0.19
N ASN A 50 17.35 4.72 -1.02
CA ASN A 50 17.33 6.11 -0.60
C ASN A 50 17.28 6.98 -1.84
N SER A 51 17.33 8.31 -1.66
CA SER A 51 17.27 9.23 -2.78
C SER A 51 18.62 9.75 -3.25
N ASP A 52 19.58 8.84 -3.41
CA ASP A 52 20.91 9.23 -3.87
C ASP A 52 20.86 9.37 -5.39
N VAL A 53 21.23 10.54 -5.90
CA VAL A 53 21.20 10.76 -7.35
C VAL A 53 22.08 9.77 -8.10
N LYS A 54 23.23 9.44 -7.51
CA LYS A 54 24.14 8.49 -8.15
C LYS A 54 23.48 7.12 -8.29
N LYS A 55 22.69 6.73 -7.30
CA LYS A 55 22.01 5.42 -7.36
C LYS A 55 20.94 5.45 -8.44
N TYR A 56 20.31 6.61 -8.62
CA TYR A 56 19.30 6.76 -9.65
C TYR A 56 19.98 6.59 -11.01
N GLN A 57 21.10 7.27 -11.20
CA GLN A 57 21.83 7.18 -12.46
C GLN A 57 22.29 5.75 -12.71
N ASN A 58 22.72 5.07 -11.66
CA ASN A 58 23.18 3.70 -11.78
C ASN A 58 22.02 2.78 -12.17
N ALA A 59 20.84 3.03 -11.61
CA ALA A 59 19.67 2.23 -11.91
C ALA A 59 19.31 2.42 -13.38
N ILE A 60 19.43 3.65 -13.84
CA ILE A 60 19.12 3.98 -15.23
C ILE A 60 20.11 3.29 -16.17
N ILE A 61 21.38 3.30 -15.81
CA ILE A 61 22.41 2.66 -16.62
C ILE A 61 22.13 1.16 -16.73
N ASN A 62 21.73 0.56 -15.62
CA ASN A 62 21.43 -0.87 -15.63
C ASN A 62 20.20 -1.16 -16.49
N PHE A 63 19.24 -0.24 -16.52
CA PHE A 63 18.07 -0.44 -17.35
C PHE A 63 18.50 -0.42 -18.82
N GLU A 64 19.39 0.51 -19.15
CA GLU A 64 19.87 0.63 -20.53
C GLU A 64 20.68 -0.60 -20.94
N ASN A 65 21.39 -1.19 -19.98
CA ASN A 65 22.17 -2.39 -20.26
C ASN A 65 21.21 -3.54 -20.59
N ASN A 66 19.98 -3.43 -20.07
CA ASN A 66 18.98 -4.46 -20.32
C ASN A 66 18.07 -4.12 -21.50
N ASN A 67 18.48 -3.08 -22.23
CA ASN A 67 17.77 -2.64 -23.44
C ASN A 67 16.29 -2.32 -23.25
N VAL A 68 15.94 -1.67 -22.14
CA VAL A 68 14.54 -1.31 -21.95
C VAL A 68 14.17 -0.30 -23.03
N ASP A 69 12.90 -0.25 -23.41
CA ASP A 69 12.46 0.68 -24.45
C ASP A 69 12.13 2.06 -23.93
N GLY A 70 12.00 2.17 -22.61
CA GLY A 70 11.66 3.44 -22.01
C GLY A 70 11.85 3.35 -20.51
N ILE A 71 11.96 4.49 -19.85
CA ILE A 71 12.16 4.53 -18.41
C ILE A 71 11.26 5.55 -17.73
N ILE A 72 10.67 5.15 -16.60
CA ILE A 72 9.81 6.03 -15.83
C ILE A 72 10.43 6.04 -14.43
N THR A 73 10.81 7.22 -13.97
CA THR A 73 11.45 7.33 -12.66
C THR A 73 10.87 8.43 -11.78
N SER A 74 11.01 8.26 -10.47
CA SER A 74 10.57 9.28 -9.55
C SER A 74 11.59 10.39 -9.75
N ALA A 75 11.23 11.62 -9.41
CA ALA A 75 12.12 12.75 -9.63
C ALA A 75 13.33 12.86 -8.71
N PHE A 76 14.38 13.48 -9.26
CA PHE A 76 15.61 13.76 -8.55
C PHE A 76 16.27 14.90 -9.30
N THR A 77 17.11 15.67 -8.61
CA THR A 77 17.79 16.80 -9.23
C THR A 77 18.74 16.32 -10.32
N ILE A 78 18.57 16.86 -11.52
CA ILE A 78 19.39 16.49 -12.67
C ILE A 78 20.81 17.03 -12.55
N PRO A 79 21.80 16.13 -12.48
CA PRO A 79 23.20 16.53 -12.36
C PRO A 79 23.79 16.95 -13.70
N PRO A 80 24.88 17.73 -13.68
CA PRO A 80 25.53 18.19 -14.91
C PRO A 80 25.93 17.08 -15.88
N ASN A 81 26.31 15.93 -15.35
CA ASN A 81 26.73 14.81 -16.19
C ASN A 81 25.60 13.88 -16.61
N PHE A 82 24.36 14.28 -16.36
CA PHE A 82 23.23 13.42 -16.72
C PHE A 82 23.18 13.11 -18.22
N HIS A 83 23.06 11.83 -18.54
CA HIS A 83 23.00 11.41 -19.94
C HIS A 83 22.38 10.04 -20.10
N LEU A 84 21.62 9.86 -21.17
CA LEU A 84 21.01 8.59 -21.49
C LEU A 84 20.52 8.65 -22.93
N ASN A 85 20.29 7.48 -23.51
CA ASN A 85 19.82 7.40 -24.90
C ASN A 85 18.53 6.59 -24.96
N THR A 86 17.74 6.71 -23.90
CA THR A 86 16.47 6.00 -23.80
C THR A 86 15.39 7.00 -23.39
N PRO A 87 14.19 6.89 -23.99
CA PRO A 87 13.12 7.82 -23.62
C PRO A 87 12.86 7.75 -22.12
N LEU A 88 12.69 8.90 -21.48
CA LEU A 88 12.46 8.92 -20.04
C LEU A 88 11.40 9.91 -19.61
N VAL A 89 10.62 9.51 -18.60
CA VAL A 89 9.59 10.37 -18.03
C VAL A 89 9.81 10.35 -16.52
N MET A 90 9.70 11.52 -15.90
CA MET A 90 9.93 11.70 -14.47
C MET A 90 8.60 12.09 -13.77
N TYR A 91 8.16 11.29 -12.80
CA TYR A 91 6.92 11.58 -12.07
C TYR A 91 7.21 12.10 -10.66
N ASP A 92 6.20 12.63 -9.98
CA ASP A 92 6.38 13.18 -8.62
C ASP A 92 7.40 14.31 -8.72
N SER A 93 7.28 15.09 -9.79
CA SER A 93 8.22 16.19 -10.04
C SER A 93 7.62 17.58 -9.84
N ALA A 94 8.49 18.55 -9.58
CA ALA A 94 8.06 19.94 -9.45
C ALA A 94 7.90 20.42 -10.90
N ASN A 95 7.28 21.58 -11.10
CA ASN A 95 7.07 22.10 -12.45
C ASN A 95 8.34 22.72 -13.00
N ILE A 96 9.30 21.88 -13.34
CA ILE A 96 10.58 22.32 -13.86
C ILE A 96 10.54 22.37 -15.39
N ASN A 97 10.93 23.52 -15.93
CA ASN A 97 10.91 23.77 -17.37
C ASN A 97 12.20 23.41 -18.11
N ASP A 98 12.64 22.15 -17.99
CA ASP A 98 13.85 21.70 -18.66
C ASP A 98 13.51 20.75 -19.80
N ASP A 99 14.51 20.00 -20.26
CA ASP A 99 14.32 19.08 -21.38
C ASP A 99 13.79 17.69 -21.03
N ILE A 100 13.35 17.50 -19.79
CA ILE A 100 12.82 16.21 -19.38
C ILE A 100 11.31 16.26 -19.17
N VAL A 101 10.59 15.31 -19.77
CA VAL A 101 9.14 15.24 -19.64
C VAL A 101 8.80 14.86 -18.20
N ARG A 102 8.06 15.72 -17.52
CA ARG A 102 7.70 15.48 -16.13
C ARG A 102 6.20 15.44 -15.90
N ILE A 103 5.77 14.55 -15.01
CA ILE A 103 4.37 14.45 -14.65
C ILE A 103 4.34 15.18 -13.31
N VAL A 104 3.72 16.35 -13.32
CA VAL A 104 3.67 17.22 -12.16
C VAL A 104 2.32 17.30 -11.47
N SER A 105 2.27 16.90 -10.21
CA SER A 105 1.02 17.01 -9.47
C SER A 105 0.90 18.49 -9.19
N ASN A 106 -0.31 19.03 -9.21
CA ASN A 106 -0.47 20.45 -8.97
C ASN A 106 -0.29 20.77 -7.49
N ASN A 107 0.97 20.75 -7.05
CA ASN A 107 1.34 21.02 -5.66
C ASN A 107 0.92 22.42 -5.22
N THR A 108 0.97 23.37 -6.16
CA THR A 108 0.57 24.74 -5.87
C THR A 108 -0.90 24.75 -5.51
N LYS A 109 -1.72 24.11 -6.33
CA LYS A 109 -3.15 24.06 -6.04
C LYS A 109 -3.37 23.31 -4.72
N GLY A 110 -2.57 22.27 -4.50
CA GLY A 110 -2.69 21.49 -3.28
C GLY A 110 -2.51 22.35 -2.04
N GLY A 111 -1.50 23.20 -2.06
CA GLY A 111 -1.25 24.07 -0.92
C GLY A 111 -2.35 25.09 -0.75
N LYS A 112 -2.76 25.71 -1.85
CA LYS A 112 -3.83 26.71 -1.81
C LYS A 112 -5.11 26.09 -1.26
N GLU A 113 -5.48 24.91 -1.78
CA GLU A 113 -6.69 24.25 -1.33
C GLU A 113 -6.62 23.76 0.12
N SER A 114 -5.42 23.49 0.62
CA SER A 114 -5.28 23.07 2.01
C SER A 114 -5.72 24.19 2.93
N ILE A 115 -5.33 25.42 2.60
CA ILE A 115 -5.71 26.57 3.39
C ILE A 115 -7.20 26.84 3.21
N LYS A 116 -7.70 26.62 2.00
CA LYS A 116 -9.11 26.84 1.72
C LYS A 116 -10.03 25.87 2.46
N LEU A 117 -9.48 24.76 2.95
CA LEU A 117 -10.27 23.78 3.69
C LEU A 117 -10.57 24.28 5.10
N LEU A 118 -9.76 25.22 5.58
CA LEU A 118 -9.92 25.77 6.92
C LEU A 118 -11.14 26.68 7.04
N SER A 119 -11.68 26.74 8.25
CA SER A 119 -12.84 27.58 8.54
C SER A 119 -12.47 29.05 8.38
N LYS A 120 -13.46 29.87 8.04
CA LYS A 120 -13.22 31.29 7.86
C LYS A 120 -12.83 31.97 9.17
N LYS A 121 -13.05 31.30 10.29
CA LYS A 121 -12.72 31.88 11.59
C LYS A 121 -11.32 31.55 12.09
N ILE A 122 -10.60 30.71 11.35
CA ILE A 122 -9.25 30.34 11.73
C ILE A 122 -8.35 31.57 11.71
N GLU A 123 -7.66 31.84 12.81
CA GLU A 123 -6.76 32.99 12.90
C GLU A 123 -5.28 32.63 12.86
N LYS A 124 -4.96 31.44 13.36
CA LYS A 124 -3.58 30.97 13.40
C LYS A 124 -3.54 29.51 13.01
N VAL A 125 -2.61 29.15 12.13
CA VAL A 125 -2.47 27.77 11.72
C VAL A 125 -1.02 27.32 11.83
N LEU A 126 -0.82 26.11 12.32
CA LEU A 126 0.51 25.52 12.44
C LEU A 126 0.68 24.66 11.19
N ILE A 127 1.73 24.91 10.42
CA ILE A 127 1.97 24.14 9.20
C ILE A 127 3.24 23.32 9.36
N GLN A 128 3.08 22.00 9.49
CA GLN A 128 4.22 21.11 9.62
C GLN A 128 4.54 20.62 8.22
N HIS A 129 5.83 20.67 7.86
CA HIS A 129 6.22 20.30 6.50
C HIS A 129 7.56 19.59 6.42
N TRP A 130 7.74 18.83 5.34
CA TRP A 130 9.00 18.13 5.13
C TRP A 130 9.99 19.19 4.61
N PRO A 131 11.30 18.88 4.59
CA PRO A 131 12.29 19.85 4.12
C PRO A 131 11.92 20.55 2.81
N LEU A 132 12.05 21.88 2.81
CA LEU A 132 11.72 22.67 1.64
C LEU A 132 12.73 22.46 0.51
N SER A 133 13.75 21.63 0.78
CA SER A 133 14.75 21.32 -0.23
C SER A 133 14.13 20.34 -1.23
N LEU A 134 12.98 19.78 -0.86
CA LEU A 134 12.25 18.88 -1.73
C LEU A 134 11.39 19.81 -2.59
N PRO A 135 11.67 19.90 -3.89
CA PRO A 135 10.94 20.76 -4.82
C PRO A 135 9.41 20.73 -4.76
N THR A 136 8.84 19.53 -4.67
CA THR A 136 7.38 19.43 -4.62
C THR A 136 6.80 19.98 -3.34
N ILE A 137 7.54 19.80 -2.24
CA ILE A 137 7.09 20.30 -0.95
C ILE A 137 7.19 21.82 -0.94
N ARG A 138 8.28 22.35 -1.49
CA ARG A 138 8.44 23.80 -1.55
C ARG A 138 7.27 24.42 -2.31
N GLU A 139 6.88 23.81 -3.43
CA GLU A 139 5.76 24.33 -4.20
C GLU A 139 4.49 24.34 -3.35
N ARG A 140 4.28 23.26 -2.60
CA ARG A 140 3.09 23.14 -1.75
C ARG A 140 3.05 24.19 -0.66
N ILE A 141 4.14 24.31 0.09
CA ILE A 141 4.21 25.26 1.19
C ILE A 141 4.18 26.71 0.73
N GLU A 142 4.87 27.05 -0.35
CA GLU A 142 4.86 28.43 -0.81
C GLU A 142 3.42 28.83 -1.19
N ALA A 143 2.66 27.88 -1.73
CA ALA A 143 1.28 28.18 -2.10
C ALA A 143 0.44 28.35 -0.84
N MET A 144 0.77 27.58 0.20
CA MET A 144 0.05 27.68 1.47
C MET A 144 0.25 29.05 2.12
N THR A 145 1.49 29.50 2.20
CA THR A 145 1.75 30.80 2.83
C THR A 145 1.16 31.93 2.01
N ALA A 146 1.10 31.75 0.68
CA ALA A 146 0.52 32.78 -0.18
C ALA A 146 -0.98 32.91 0.09
N GLU A 147 -1.69 31.78 0.13
CA GLU A 147 -3.12 31.82 0.38
C GLU A 147 -3.42 32.28 1.81
N ALA A 148 -2.59 31.86 2.76
CA ALA A 148 -2.78 32.26 4.16
C ALA A 148 -2.66 33.78 4.25
N SER A 149 -1.66 34.33 3.56
CA SER A 149 -1.44 35.77 3.55
C SER A 149 -2.63 36.49 2.93
N LYS A 150 -3.15 35.94 1.85
CA LYS A 150 -4.30 36.52 1.16
C LYS A 150 -5.50 36.59 2.10
N LEU A 151 -5.69 35.54 2.90
CA LEU A 151 -6.81 35.46 3.83
C LEU A 151 -6.52 36.00 5.22
N LYS A 152 -5.33 36.58 5.40
CA LYS A 152 -4.92 37.15 6.68
C LYS A 152 -4.95 36.13 7.81
N ILE A 153 -4.45 34.94 7.52
CA ILE A 153 -4.36 33.88 8.52
C ILE A 153 -2.89 33.81 8.90
N ASP A 154 -2.60 34.00 10.19
CA ASP A 154 -1.22 33.93 10.65
C ASP A 154 -0.82 32.46 10.67
N TYR A 155 0.47 32.20 10.49
CA TYR A 155 0.94 30.83 10.48
C TYR A 155 2.34 30.69 11.04
N LEU A 156 2.69 29.46 11.38
CA LEU A 156 4.02 29.12 11.87
C LEU A 156 4.42 27.90 11.07
N LEU A 157 5.57 27.98 10.40
CA LEU A 157 6.08 26.84 9.64
C LEU A 157 6.99 26.05 10.56
N GLU A 158 6.88 24.73 10.52
CA GLU A 158 7.72 23.87 11.33
C GLU A 158 8.19 22.70 10.48
N GLU A 159 9.49 22.62 10.20
CA GLU A 159 10.01 21.51 9.42
C GLU A 159 9.96 20.31 10.35
N THR A 160 9.53 19.17 9.83
CA THR A 160 9.41 17.97 10.66
C THR A 160 10.17 16.81 10.03
N PRO A 161 10.54 15.81 10.84
CA PRO A 161 11.27 14.64 10.32
C PRO A 161 10.50 13.99 9.17
N GLU A 162 11.22 13.32 8.28
CA GLU A 162 10.59 12.67 7.14
C GLU A 162 10.09 11.26 7.44
N ASN A 163 10.58 10.67 8.54
CA ASN A 163 10.17 9.32 8.85
C ASN A 163 9.69 9.07 10.28
N ASN A 164 9.10 10.08 10.92
CA ASN A 164 8.61 9.89 12.29
C ASN A 164 7.35 10.68 12.61
N PRO A 165 6.20 10.17 12.17
CA PRO A 165 4.91 10.82 12.42
C PRO A 165 4.63 10.99 13.91
N TYR A 166 5.11 10.05 14.71
CA TYR A 166 4.88 10.13 16.15
C TYR A 166 5.52 11.36 16.78
N ILE A 167 6.79 11.57 16.52
CA ILE A 167 7.47 12.74 17.08
C ILE A 167 6.83 14.02 16.59
N SER A 168 6.45 14.04 15.32
CA SER A 168 5.81 15.21 14.72
C SER A 168 4.48 15.50 15.41
N ALA A 169 3.76 14.45 15.80
CA ALA A 169 2.49 14.63 16.48
C ALA A 169 2.69 15.19 17.88
N GLN A 170 3.77 14.81 18.54
CA GLN A 170 4.01 15.34 19.88
C GLN A 170 4.28 16.83 19.79
N SER A 171 5.09 17.22 18.80
CA SER A 171 5.42 18.62 18.59
C SER A 171 4.16 19.43 18.30
N ALA A 172 3.27 18.85 17.48
CA ALA A 172 2.02 19.52 17.12
C ALA A 172 1.13 19.73 18.34
N LEU A 173 0.90 18.67 19.11
CA LEU A 173 0.04 18.79 20.27
C LEU A 173 0.64 19.67 21.37
N ASN A 174 1.96 19.66 21.50
CA ASN A 174 2.62 20.47 22.54
C ASN A 174 2.32 21.94 22.37
N LYS A 175 2.11 22.38 21.13
CA LYS A 175 1.83 23.79 20.88
C LYS A 175 0.43 24.05 20.33
N SER A 176 -0.42 23.01 20.34
CA SER A 176 -1.77 23.14 19.80
C SER A 176 -2.63 24.24 20.41
N ASN A 177 -2.46 24.52 21.69
CA ASN A 177 -3.28 25.57 22.30
C ASN A 177 -2.99 26.97 21.76
N GLN A 178 -1.92 27.10 20.98
CA GLN A 178 -1.54 28.37 20.39
C GLN A 178 -2.15 28.54 19.00
N PHE A 179 -2.74 27.46 18.48
CA PHE A 179 -3.30 27.48 17.13
C PHE A 179 -4.75 27.05 17.02
N ASP A 180 -5.41 27.50 15.96
CA ASP A 180 -6.80 27.17 15.70
C ASP A 180 -6.90 26.01 14.72
N ALA A 181 -5.81 25.74 14.02
CA ALA A 181 -5.76 24.66 13.04
C ALA A 181 -4.33 24.18 12.84
N ILE A 182 -4.21 22.94 12.37
CA ILE A 182 -2.91 22.36 12.10
C ILE A 182 -2.98 21.64 10.77
N ILE A 183 -2.00 21.92 9.92
CA ILE A 183 -1.90 21.27 8.62
C ILE A 183 -0.60 20.50 8.69
N THR A 184 -0.63 19.21 8.38
CA THR A 184 0.59 18.42 8.43
C THR A 184 0.97 17.76 7.10
N VAL A 185 2.12 17.08 7.07
CA VAL A 185 2.65 16.52 5.82
C VAL A 185 1.83 15.51 5.02
N ASN A 186 1.14 14.61 5.70
CA ASN A 186 0.30 13.63 5.01
C ASN A 186 -0.73 13.07 5.97
N ASP A 187 -1.57 12.16 5.48
CA ASP A 187 -2.63 11.59 6.28
C ASP A 187 -2.17 10.68 7.42
N LEU A 188 -1.02 10.06 7.27
CA LEU A 188 -0.49 9.21 8.33
C LEU A 188 -0.12 10.12 9.50
N TYR A 189 0.53 11.24 9.19
CA TYR A 189 0.91 12.19 10.23
C TYR A 189 -0.35 12.73 10.89
N ALA A 190 -1.40 12.96 10.09
CA ALA A 190 -2.66 13.45 10.63
C ALA A 190 -3.26 12.43 11.59
N ALA A 191 -3.18 11.15 11.21
CA ALA A 191 -3.72 10.07 12.03
C ALA A 191 -3.01 10.03 13.39
N GLU A 192 -1.70 10.26 13.39
CA GLU A 192 -0.94 10.26 14.64
C GLU A 192 -1.35 11.47 15.49
N ILE A 193 -1.64 12.59 14.85
CA ILE A 193 -2.06 13.76 15.60
C ILE A 193 -3.40 13.47 16.27
N ILE A 194 -4.29 12.79 15.56
CA ILE A 194 -5.59 12.44 16.14
C ILE A 194 -5.41 11.53 17.34
N LYS A 195 -4.50 10.57 17.21
CA LYS A 195 -4.25 9.62 18.29
C LYS A 195 -3.69 10.30 19.53
N GLU A 196 -2.75 11.23 19.34
CA GLU A 196 -2.15 11.93 20.48
C GLU A 196 -3.17 12.88 21.11
N ALA A 197 -4.01 13.51 20.28
CA ALA A 197 -5.01 14.43 20.79
C ALA A 197 -5.92 13.69 21.76
N LYS A 198 -6.27 12.45 21.42
CA LYS A 198 -7.14 11.65 22.27
C LYS A 198 -6.46 11.30 23.58
N ARG A 199 -5.14 11.11 23.54
CA ARG A 199 -4.39 10.78 24.75
C ARG A 199 -4.43 11.97 25.70
N ARG A 200 -4.53 13.17 25.13
CA ARG A 200 -4.55 14.39 25.93
C ARG A 200 -5.96 14.93 26.15
N ASN A 201 -6.95 14.12 25.80
CA ASN A 201 -8.35 14.50 25.97
C ASN A 201 -8.72 15.79 25.24
N LEU A 202 -8.19 15.94 24.03
CA LEU A 202 -8.48 17.09 23.19
C LEU A 202 -9.33 16.57 22.03
N LYS A 203 -10.20 17.44 21.51
CA LYS A 203 -11.09 17.04 20.41
C LYS A 203 -10.80 17.78 19.11
N ILE A 204 -10.98 17.08 18.00
CA ILE A 204 -10.76 17.64 16.67
C ILE A 204 -12.10 17.49 15.94
N PRO A 205 -12.59 18.56 15.29
CA PRO A 205 -12.07 19.93 15.16
C PRO A 205 -12.34 20.90 16.31
N ASP A 206 -13.03 20.45 17.36
CA ASP A 206 -13.35 21.32 18.48
C ASP A 206 -12.21 22.20 18.98
N ASP A 207 -11.09 21.57 19.37
CA ASP A 207 -9.96 22.33 19.87
C ASP A 207 -9.13 22.91 18.73
N PHE A 208 -9.08 22.21 17.60
CA PHE A 208 -8.37 22.68 16.42
C PHE A 208 -8.73 21.85 15.19
N GLN A 209 -8.75 22.50 14.03
CA GLN A 209 -9.04 21.80 12.79
C GLN A 209 -7.77 21.12 12.35
N LEU A 210 -7.91 20.07 11.55
CA LEU A 210 -6.74 19.32 11.08
C LEU A 210 -6.87 18.96 9.60
N VAL A 211 -5.78 19.15 8.87
CA VAL A 211 -5.76 18.83 7.44
C VAL A 211 -4.50 18.02 7.12
N GLY A 212 -4.67 16.95 6.35
CA GLY A 212 -3.53 16.12 5.96
C GLY A 212 -3.25 16.27 4.48
N TYR A 213 -2.75 15.22 3.83
CA TYR A 213 -2.46 15.26 2.39
C TYR A 213 -2.32 13.84 1.86
N ASP A 214 -2.79 13.61 0.63
CA ASP A 214 -2.74 12.33 -0.10
C ASP A 214 -4.07 11.67 -0.41
N ASN A 215 -4.98 11.74 0.55
CA ASN A 215 -6.28 11.07 0.50
C ASN A 215 -5.97 9.57 0.55
N ASN A 216 -5.15 9.22 1.52
CA ASN A 216 -4.77 7.84 1.75
C ASN A 216 -6.03 7.13 2.23
N ILE A 217 -6.15 5.83 1.94
CA ILE A 217 -7.33 5.10 2.35
C ILE A 217 -7.65 5.24 3.84
N LEU A 218 -6.63 5.54 4.64
CA LEU A 218 -6.77 5.71 6.08
C LEU A 218 -7.77 6.80 6.49
N CYS A 219 -7.88 7.85 5.66
CA CYS A 219 -8.76 8.98 5.96
C CYS A 219 -10.21 8.69 6.31
N GLY A 220 -10.81 7.70 5.68
CA GLY A 220 -12.20 7.41 5.97
C GLY A 220 -12.43 6.45 7.13
N TYR A 221 -11.36 6.00 7.75
CA TYR A 221 -11.46 5.04 8.84
C TYR A 221 -11.11 5.58 10.22
N THR A 222 -10.58 6.80 10.28
CA THR A 222 -10.24 7.41 11.55
C THR A 222 -11.43 8.17 12.12
N SER A 223 -11.31 8.60 13.37
CA SER A 223 -12.38 9.36 14.02
C SER A 223 -11.74 10.51 14.77
N PRO A 224 -11.90 11.74 14.27
CA PRO A 224 -12.65 12.13 13.06
C PRO A 224 -11.99 11.70 11.76
N THR A 225 -12.80 11.63 10.70
CA THR A 225 -12.27 11.29 9.38
C THR A 225 -11.40 12.47 8.98
N ILE A 226 -10.40 12.22 8.15
CA ILE A 226 -9.44 13.26 7.78
C ILE A 226 -9.67 14.07 6.50
N SER A 227 -9.72 15.40 6.64
CA SER A 227 -9.85 16.31 5.51
C SER A 227 -8.48 16.27 4.86
N THR A 228 -8.45 16.24 3.53
CA THR A 228 -7.17 16.08 2.86
C THR A 228 -7.20 16.53 1.39
N ILE A 229 -6.09 16.29 0.70
CA ILE A 229 -5.96 16.63 -0.70
C ILE A 229 -5.62 15.34 -1.45
N ASP A 230 -6.46 14.98 -2.43
CA ASP A 230 -6.23 13.77 -3.22
C ASP A 230 -5.27 14.11 -4.35
N GLN A 231 -4.12 13.43 -4.40
CA GLN A 231 -3.13 13.68 -5.45
C GLN A 231 -3.34 12.92 -6.75
N ASN A 232 -4.41 12.12 -6.83
CA ASN A 232 -4.66 11.35 -8.06
C ASN A 232 -3.47 10.51 -8.50
N PRO A 233 -2.88 9.72 -7.59
CA PRO A 233 -1.73 8.92 -8.00
C PRO A 233 -1.98 7.98 -9.19
N LYS A 234 -3.17 7.37 -9.28
CA LYS A 234 -3.43 6.48 -10.40
C LYS A 234 -3.28 7.25 -11.71
N LEU A 235 -3.83 8.47 -11.76
CA LEU A 235 -3.74 9.28 -12.97
C LEU A 235 -2.30 9.71 -13.22
N ILE A 236 -1.55 9.96 -12.16
CA ILE A 236 -0.16 10.34 -12.33
C ILE A 236 0.56 9.20 -13.06
N GLY A 237 0.28 7.97 -12.61
CA GLY A 237 0.89 6.79 -13.22
C GLY A 237 0.46 6.57 -14.66
N GLN A 238 -0.84 6.64 -14.92
CA GLN A 238 -1.36 6.43 -16.27
C GLN A 238 -0.77 7.47 -17.22
N THR A 239 -0.72 8.72 -16.78
CA THR A 239 -0.18 9.79 -17.61
C THR A 239 1.30 9.61 -17.89
N ALA A 240 2.06 9.17 -16.88
CA ALA A 240 3.49 8.95 -17.06
C ALA A 240 3.66 7.92 -18.17
N ALA A 241 2.82 6.88 -18.14
CA ALA A 241 2.88 5.83 -19.15
C ALA A 241 2.50 6.35 -20.54
N HIS A 242 1.43 7.13 -20.63
CA HIS A 242 1.04 7.66 -21.93
C HIS A 242 2.09 8.60 -22.51
N ARG A 243 2.65 9.47 -21.66
CA ARG A 243 3.68 10.39 -22.14
C ARG A 243 4.92 9.64 -22.58
N LEU A 244 5.24 8.53 -21.90
CA LEU A 244 6.41 7.75 -22.28
C LEU A 244 6.17 7.11 -23.64
N LEU A 245 4.97 6.57 -23.83
CA LEU A 245 4.63 5.95 -25.11
C LEU A 245 4.76 6.98 -26.24
N ASP A 246 4.38 8.22 -25.96
CA ASP A 246 4.49 9.27 -26.97
C ASP A 246 5.95 9.51 -27.32
N LEU A 247 6.80 9.57 -26.30
CA LEU A 247 8.23 9.78 -26.54
C LEU A 247 8.80 8.63 -27.35
N MET A 248 8.35 7.42 -27.06
CA MET A 248 8.81 6.22 -27.75
C MET A 248 8.25 6.17 -29.17
N SER A 249 7.37 7.11 -29.48
CA SER A 249 6.74 7.19 -30.80
C SER A 249 7.23 8.40 -31.59
N GLY A 250 8.36 8.97 -31.19
CA GLY A 250 8.92 10.10 -31.89
C GLY A 250 8.43 11.50 -31.55
N ASN A 251 7.58 11.62 -30.54
CA ASN A 251 7.10 12.94 -30.13
C ASN A 251 8.19 13.56 -29.27
N ASN A 252 8.80 14.62 -29.78
CA ASN A 252 9.91 15.29 -29.07
C ASN A 252 9.53 16.33 -28.03
N SER A 253 8.24 16.64 -27.90
CA SER A 253 7.82 17.65 -26.93
C SER A 253 8.30 17.32 -25.52
N THR A 254 8.77 18.34 -24.80
CA THR A 254 9.26 18.15 -23.43
C THR A 254 8.33 18.83 -22.43
N ARG A 255 7.13 19.18 -22.87
CA ARG A 255 6.15 19.82 -22.00
C ARG A 255 5.79 18.92 -20.82
N ASN A 256 5.49 19.54 -19.69
CA ASN A 256 5.11 18.78 -18.50
C ASN A 256 3.61 18.58 -18.48
N SER A 257 3.18 17.47 -17.90
CA SER A 257 1.75 17.19 -17.74
C SER A 257 1.43 17.62 -16.32
N ILE A 258 0.43 18.47 -16.15
CA ILE A 258 0.03 18.93 -14.81
C ILE A 258 -1.21 18.16 -14.39
N ILE A 259 -1.10 17.39 -13.31
CA ILE A 259 -2.21 16.58 -12.81
C ILE A 259 -2.95 17.30 -11.70
N ASP A 260 -4.27 17.38 -11.85
CA ASP A 260 -5.13 18.06 -10.88
C ASP A 260 -5.11 17.38 -9.51
N VAL A 261 -5.43 18.15 -8.48
CA VAL A 261 -5.52 17.64 -7.11
C VAL A 261 -6.93 18.01 -6.64
N LEU A 262 -7.49 17.19 -5.77
CA LEU A 262 -8.86 17.40 -5.30
C LEU A 262 -8.99 17.54 -3.80
N PRO A 263 -9.58 18.64 -3.33
CA PRO A 263 -9.75 18.81 -1.88
C PRO A 263 -10.94 17.98 -1.42
N ILE A 264 -10.75 17.27 -0.31
CA ILE A 264 -11.83 16.44 0.23
C ILE A 264 -12.10 16.84 1.67
N LYS A 265 -13.28 17.40 1.90
CA LYS A 265 -13.68 17.85 3.23
C LYS A 265 -14.28 16.70 4.05
N ARG A 266 -13.68 16.45 5.21
CA ARG A 266 -14.18 15.41 6.10
C ARG A 266 -14.37 15.98 7.50
N ASP A 267 -14.59 15.14 8.49
CA ASP A 267 -14.85 15.62 9.82
C ASP A 267 -13.74 16.36 10.56
N SER A 268 -12.49 16.17 10.17
CA SER A 268 -11.41 16.85 10.89
C SER A 268 -11.47 18.37 10.72
N THR A 269 -12.27 18.84 9.76
CA THR A 269 -12.46 20.28 9.57
C THR A 269 -13.94 20.63 9.79
N GLU A 270 -14.82 19.81 9.22
CA GLU A 270 -16.27 20.05 9.30
C GLU A 270 -16.93 19.62 10.61
N GLY A 271 -16.32 18.70 11.32
CA GLY A 271 -16.89 18.23 12.58
C GLY A 271 -17.86 17.10 12.38
N LYS B 8 23.08 -18.72 -20.70
CA LYS B 8 23.55 -17.49 -20.01
C LYS B 8 22.46 -16.96 -19.08
N LYS B 9 22.88 -16.26 -18.03
CA LYS B 9 21.95 -15.71 -17.06
C LYS B 9 21.62 -14.24 -17.34
N SER B 10 20.39 -13.86 -17.02
CA SER B 10 19.91 -12.50 -17.25
C SER B 10 19.94 -11.64 -16.00
N LYS B 11 20.07 -12.29 -14.85
CA LYS B 11 20.06 -11.58 -13.58
C LYS B 11 18.72 -10.86 -13.38
N MET B 12 17.67 -11.46 -13.94
CA MET B 12 16.32 -10.93 -13.80
C MET B 12 15.50 -12.02 -13.13
N ILE B 13 14.58 -11.63 -12.26
CA ILE B 13 13.71 -12.57 -11.59
C ILE B 13 12.29 -12.15 -11.91
N GLY B 14 11.51 -13.07 -12.48
CA GLY B 14 10.14 -12.76 -12.79
C GLY B 14 9.28 -12.87 -11.55
N ILE B 15 8.41 -11.89 -11.34
CA ILE B 15 7.51 -11.91 -10.18
C ILE B 15 6.08 -11.59 -10.62
N ILE B 16 5.12 -12.35 -10.09
CA ILE B 16 3.73 -12.12 -10.41
C ILE B 16 3.00 -11.74 -9.11
N ILE B 17 2.29 -10.62 -9.16
CA ILE B 17 1.52 -10.11 -8.02
C ILE B 17 0.32 -9.34 -8.57
N PRO B 18 -0.72 -9.13 -7.75
CA PRO B 18 -1.90 -8.40 -8.22
C PRO B 18 -1.58 -6.91 -8.37
N ASP B 19 -1.03 -6.34 -7.30
CA ASP B 19 -0.64 -4.93 -7.26
C ASP B 19 0.15 -4.70 -5.97
N LEU B 20 0.56 -3.47 -5.72
CA LEU B 20 1.34 -3.15 -4.53
C LEU B 20 0.61 -2.32 -3.47
N ASN B 21 -0.72 -2.24 -3.55
CA ASN B 21 -1.47 -1.43 -2.59
C ASN B 21 -1.53 -1.95 -1.17
N ASN B 22 -2.13 -3.13 -1.00
CA ASN B 22 -2.27 -3.73 0.32
C ASN B 22 -0.93 -3.93 0.99
N ARG B 23 -0.91 -4.11 2.31
CA ARG B 23 0.35 -4.33 3.05
C ARG B 23 0.93 -5.69 2.66
N PHE B 24 0.04 -6.67 2.53
CA PHE B 24 0.44 -8.02 2.19
C PHE B 24 1.35 -8.11 0.96
N TYR B 25 0.88 -7.65 -0.19
CA TYR B 25 1.67 -7.73 -1.41
C TYR B 25 2.84 -6.75 -1.49
N ALA B 26 2.67 -5.56 -0.95
CA ALA B 26 3.73 -4.56 -0.96
C ALA B 26 4.90 -5.07 -0.13
N GLN B 27 4.58 -5.66 1.02
CA GLN B 27 5.59 -6.20 1.91
C GLN B 27 6.25 -7.45 1.34
N ILE B 28 5.47 -8.25 0.61
CA ILE B 28 6.06 -9.45 0.02
C ILE B 28 7.09 -9.00 -1.00
N ILE B 29 6.74 -8.03 -1.82
CA ILE B 29 7.67 -7.52 -2.83
C ILE B 29 8.87 -6.86 -2.15
N ASP B 30 8.63 -6.15 -1.05
CA ASP B 30 9.70 -5.50 -0.32
C ASP B 30 10.68 -6.57 0.13
N GLY B 31 10.16 -7.67 0.67
CA GLY B 31 11.01 -8.75 1.11
C GLY B 31 11.80 -9.37 -0.03
N ILE B 32 11.13 -9.61 -1.15
CA ILE B 32 11.80 -10.20 -2.29
C ILE B 32 12.91 -9.31 -2.85
N GLN B 33 12.58 -8.05 -3.10
CA GLN B 33 13.56 -7.13 -3.68
C GLN B 33 14.75 -6.91 -2.78
N GLU B 34 14.52 -6.88 -1.47
CA GLU B 34 15.58 -6.67 -0.52
C GLU B 34 16.65 -7.75 -0.69
N VAL B 35 16.20 -8.99 -0.81
CA VAL B 35 17.12 -10.12 -0.96
C VAL B 35 17.76 -10.24 -2.34
N ILE B 36 16.98 -10.12 -3.39
CA ILE B 36 17.55 -10.29 -4.73
C ILE B 36 18.35 -9.12 -5.27
N GLN B 37 17.99 -7.89 -4.88
CA GLN B 37 18.76 -6.75 -5.38
C GLN B 37 20.15 -6.77 -4.77
N LYS B 38 20.23 -7.30 -3.55
CA LYS B 38 21.51 -7.40 -2.85
C LYS B 38 22.46 -8.28 -3.67
N GLU B 39 21.89 -9.21 -4.42
CA GLU B 39 22.68 -10.13 -5.24
C GLU B 39 22.79 -9.74 -6.71
N GLY B 40 22.40 -8.49 -7.01
CA GLY B 40 22.49 -8.00 -8.38
C GLY B 40 21.37 -8.32 -9.33
N TYR B 41 20.24 -8.80 -8.79
CA TYR B 41 19.08 -9.14 -9.63
C TYR B 41 18.11 -7.97 -9.72
N THR B 42 17.36 -7.91 -10.82
CA THR B 42 16.35 -6.88 -11.01
C THR B 42 15.03 -7.61 -11.21
N ALA B 43 13.99 -7.11 -10.56
CA ALA B 43 12.68 -7.72 -10.67
C ALA B 43 11.94 -7.35 -11.95
N LEU B 44 11.45 -8.38 -12.64
CA LEU B 44 10.65 -8.20 -13.86
C LEU B 44 9.28 -8.58 -13.36
N ILE B 45 8.42 -7.60 -13.16
CA ILE B 45 7.11 -7.84 -12.58
C ILE B 45 5.89 -7.74 -13.49
N SER B 46 5.07 -8.79 -13.45
CA SER B 46 3.84 -8.86 -14.21
C SER B 46 2.70 -8.76 -13.20
N PHE B 47 1.80 -7.82 -13.44
CA PHE B 47 0.68 -7.62 -12.54
C PHE B 47 -0.55 -8.32 -13.09
N SER B 48 -1.12 -9.21 -12.28
CA SER B 48 -2.31 -9.95 -12.68
C SER B 48 -3.59 -9.14 -12.44
N THR B 49 -4.58 -9.37 -13.28
CA THR B 49 -5.86 -8.67 -13.17
C THR B 49 -6.92 -9.61 -12.60
N ASN B 50 -6.62 -10.89 -12.57
CA ASN B 50 -7.55 -11.89 -12.05
C ASN B 50 -6.83 -13.19 -11.67
N SER B 51 -7.61 -14.23 -11.38
CA SER B 51 -7.06 -15.51 -10.98
C SER B 51 -7.17 -16.57 -12.08
N ASP B 52 -7.12 -16.14 -13.32
CA ASP B 52 -7.21 -17.06 -14.45
C ASP B 52 -5.89 -17.84 -14.52
N VAL B 53 -5.97 -19.15 -14.29
CA VAL B 53 -4.76 -19.98 -14.31
C VAL B 53 -4.05 -19.86 -15.66
N LYS B 54 -4.82 -19.77 -16.73
CA LYS B 54 -4.24 -19.65 -18.06
C LYS B 54 -3.40 -18.37 -18.19
N LYS B 55 -3.84 -17.30 -17.54
CA LYS B 55 -3.10 -16.04 -17.60
C LYS B 55 -1.81 -16.15 -16.79
N TYR B 56 -1.84 -16.97 -15.75
CA TYR B 56 -0.65 -17.20 -14.94
C TYR B 56 0.35 -17.95 -15.81
N GLN B 57 -0.14 -18.97 -16.51
CA GLN B 57 0.73 -19.77 -17.37
C GLN B 57 1.33 -18.92 -18.49
N ASN B 58 0.55 -18.00 -19.04
CA ASN B 58 1.05 -17.15 -20.10
C ASN B 58 2.09 -16.18 -19.57
N ALA B 59 1.86 -15.66 -18.36
CA ALA B 59 2.80 -14.74 -17.75
C ALA B 59 4.14 -15.45 -17.56
N ILE B 60 4.07 -16.72 -17.17
CA ILE B 60 5.26 -17.52 -16.94
C ILE B 60 6.00 -17.78 -18.25
N ILE B 61 5.25 -18.05 -19.31
CA ILE B 61 5.87 -18.29 -20.62
C ILE B 61 6.60 -17.03 -21.08
N ASN B 62 6.00 -15.87 -20.85
CA ASN B 62 6.61 -14.60 -21.25
C ASN B 62 7.90 -14.36 -20.47
N PHE B 63 7.91 -14.73 -19.20
CA PHE B 63 9.12 -14.57 -18.39
C PHE B 63 10.22 -15.45 -18.98
N GLU B 64 9.86 -16.67 -19.37
CA GLU B 64 10.85 -17.59 -19.94
C GLU B 64 11.37 -17.11 -21.28
N ASN B 65 10.49 -16.50 -22.07
CA ASN B 65 10.90 -15.97 -23.37
C ASN B 65 11.87 -14.82 -23.13
N ASN B 66 11.79 -14.24 -21.92
CA ASN B 66 12.67 -13.13 -21.54
C ASN B 66 13.90 -13.63 -20.77
N ASN B 67 14.06 -14.95 -20.72
CA ASN B 67 15.18 -15.60 -20.07
C ASN B 67 15.43 -15.22 -18.61
N VAL B 68 14.37 -15.10 -17.81
CA VAL B 68 14.57 -14.79 -16.40
C VAL B 68 15.28 -15.99 -15.76
N ASP B 69 16.01 -15.76 -14.68
CA ASP B 69 16.74 -16.83 -14.01
C ASP B 69 15.89 -17.62 -13.01
N GLY B 70 14.77 -17.02 -12.60
CA GLY B 70 13.88 -17.66 -11.65
C GLY B 70 12.56 -16.93 -11.64
N ILE B 71 11.53 -17.56 -11.10
CA ILE B 71 10.20 -16.96 -11.05
C ILE B 71 9.56 -17.14 -9.70
N ILE B 72 8.93 -16.08 -9.20
CA ILE B 72 8.22 -16.13 -7.93
C ILE B 72 6.81 -15.67 -8.25
N THR B 73 5.83 -16.50 -7.94
CA THR B 73 4.44 -16.18 -8.25
C THR B 73 3.48 -16.43 -7.10
N SER B 74 2.33 -15.76 -7.14
CA SER B 74 1.32 -15.99 -6.14
C SER B 74 0.76 -17.38 -6.48
N ALA B 75 0.13 -18.02 -5.50
CA ALA B 75 -0.40 -19.36 -5.68
C ALA B 75 -1.60 -19.47 -6.61
N PHE B 76 -1.65 -20.59 -7.32
CA PHE B 76 -2.77 -20.91 -8.20
C PHE B 76 -2.80 -22.42 -8.36
N THR B 77 -3.98 -22.96 -8.60
CA THR B 77 -4.12 -24.41 -8.75
C THR B 77 -3.32 -24.88 -9.96
N ILE B 78 -2.43 -25.84 -9.72
CA ILE B 78 -1.57 -26.38 -10.77
C ILE B 78 -2.38 -27.23 -11.75
N PRO B 79 -2.45 -26.80 -13.02
CA PRO B 79 -3.20 -27.54 -14.03
C PRO B 79 -2.43 -28.78 -14.48
N PRO B 80 -3.13 -29.77 -15.04
CA PRO B 80 -2.50 -31.00 -15.50
C PRO B 80 -1.35 -30.81 -16.50
N ASN B 81 -1.44 -29.77 -17.32
CA ASN B 81 -0.40 -29.52 -18.32
C ASN B 81 0.69 -28.55 -17.88
N PHE B 82 0.76 -28.27 -16.59
CA PHE B 82 1.77 -27.32 -16.11
C PHE B 82 3.18 -27.80 -16.40
N HIS B 83 3.98 -26.95 -17.03
CA HIS B 83 5.36 -27.28 -17.36
C HIS B 83 6.20 -26.02 -17.39
N LEU B 84 7.37 -26.09 -16.76
CA LEU B 84 8.28 -24.96 -16.68
C LEU B 84 9.72 -25.45 -16.59
N ASN B 85 10.62 -24.76 -17.26
CA ASN B 85 12.05 -25.11 -17.25
C ASN B 85 12.84 -23.99 -16.59
N THR B 86 12.23 -23.35 -15.61
CA THR B 86 12.85 -22.25 -14.88
C THR B 86 12.49 -22.44 -13.42
N PRO B 87 13.45 -22.22 -12.50
CA PRO B 87 13.17 -22.38 -11.07
C PRO B 87 11.97 -21.53 -10.68
N LEU B 88 11.08 -22.12 -9.89
CA LEU B 88 9.85 -21.45 -9.47
C LEU B 88 9.54 -21.63 -7.99
N VAL B 89 9.03 -20.56 -7.38
CA VAL B 89 8.61 -20.58 -5.98
C VAL B 89 7.24 -19.90 -5.94
N MET B 90 6.31 -20.49 -5.20
CA MET B 90 4.96 -19.95 -5.04
C MET B 90 4.74 -19.47 -3.61
N TYR B 91 4.24 -18.24 -3.45
CA TYR B 91 3.95 -17.70 -2.12
C TYR B 91 2.43 -17.57 -1.97
N ASP B 92 1.96 -17.27 -0.75
CA ASP B 92 0.52 -17.17 -0.48
C ASP B 92 -0.10 -18.51 -0.86
N SER B 93 0.58 -19.58 -0.47
CA SER B 93 0.14 -20.94 -0.77
C SER B 93 -0.31 -21.75 0.45
N ALA B 94 -1.18 -22.72 0.21
CA ALA B 94 -1.65 -23.61 1.27
C ALA B 94 -0.52 -24.65 1.41
N ASN B 95 -0.56 -25.45 2.46
CA ASN B 95 0.50 -26.44 2.66
C ASN B 95 0.29 -27.67 1.77
N ILE B 96 0.57 -27.50 0.49
CA ILE B 96 0.42 -28.54 -0.52
C ILE B 96 1.73 -29.30 -0.74
N ASN B 97 1.66 -30.62 -0.58
CA ASN B 97 2.81 -31.49 -0.69
C ASN B 97 3.15 -31.99 -2.10
N ASP B 98 3.30 -31.08 -3.06
CA ASP B 98 3.63 -31.48 -4.42
C ASP B 98 5.10 -31.17 -4.74
N ASP B 99 5.45 -31.10 -6.02
CA ASP B 99 6.83 -30.83 -6.40
C ASP B 99 7.18 -29.36 -6.61
N ILE B 100 6.35 -28.46 -6.08
CA ILE B 100 6.62 -27.03 -6.22
C ILE B 100 6.94 -26.43 -4.87
N VAL B 101 8.06 -25.71 -4.78
CA VAL B 101 8.45 -25.08 -3.52
C VAL B 101 7.45 -23.98 -3.21
N ARG B 102 6.82 -24.08 -2.04
CA ARG B 102 5.81 -23.11 -1.62
C ARG B 102 6.17 -22.44 -0.29
N ILE B 103 5.88 -21.15 -0.20
CA ILE B 103 6.11 -20.41 1.03
C ILE B 103 4.70 -20.33 1.61
N VAL B 104 4.50 -21.07 2.69
CA VAL B 104 3.20 -21.19 3.33
C VAL B 104 3.05 -20.45 4.64
N SER B 105 2.12 -19.51 4.71
CA SER B 105 1.88 -18.81 5.96
C SER B 105 1.13 -19.82 6.82
N ASN B 106 1.34 -19.78 8.13
CA ASN B 106 0.66 -20.74 8.99
C ASN B 106 -0.79 -20.31 9.17
N ASN B 107 -1.58 -20.55 8.13
CA ASN B 107 -3.00 -20.20 8.11
C ASN B 107 -3.78 -20.92 9.20
N THR B 108 -3.35 -22.14 9.51
CA THR B 108 -4.01 -22.92 10.54
C THR B 108 -3.84 -22.20 11.88
N LYS B 109 -2.61 -21.79 12.19
CA LYS B 109 -2.37 -21.07 13.44
C LYS B 109 -3.13 -19.74 13.43
N GLY B 110 -3.16 -19.09 12.27
CA GLY B 110 -3.87 -17.82 12.15
C GLY B 110 -5.34 -17.96 12.49
N GLY B 111 -5.96 -19.01 11.98
CA GLY B 111 -7.37 -19.23 12.26
C GLY B 111 -7.59 -19.56 13.73
N LYS B 112 -6.76 -20.44 14.26
CA LYS B 112 -6.87 -20.84 15.66
C LYS B 112 -6.72 -19.64 16.58
N GLU B 113 -5.70 -18.83 16.34
CA GLU B 113 -5.45 -17.67 17.18
C GLU B 113 -6.50 -16.57 17.02
N SER B 114 -7.19 -16.55 15.90
CA SER B 114 -8.23 -15.54 15.72
C SER B 114 -9.36 -15.81 16.71
N ILE B 115 -9.68 -17.08 16.91
CA ILE B 115 -10.73 -17.44 17.85
C ILE B 115 -10.25 -17.19 19.27
N LYS B 116 -8.97 -17.40 19.51
CA LYS B 116 -8.40 -17.21 20.84
C LYS B 116 -8.33 -15.73 21.25
N LEU B 117 -8.44 -14.84 20.27
CA LEU B 117 -8.41 -13.40 20.56
C LEU B 117 -9.74 -12.95 21.19
N LEU B 118 -10.79 -13.75 21.00
CA LEU B 118 -12.10 -13.41 21.56
C LEU B 118 -12.11 -13.61 23.06
N SER B 119 -12.87 -12.78 23.77
CA SER B 119 -12.97 -12.88 25.22
C SER B 119 -13.70 -14.17 25.61
N LYS B 120 -13.45 -14.66 26.82
CA LYS B 120 -14.10 -15.89 27.28
C LYS B 120 -15.61 -15.78 27.37
N LYS B 121 -16.12 -14.55 27.38
CA LYS B 121 -17.56 -14.32 27.48
C LYS B 121 -18.28 -14.57 26.15
N ILE B 122 -17.54 -14.49 25.06
CA ILE B 122 -18.11 -14.67 23.73
C ILE B 122 -18.74 -16.05 23.55
N GLU B 123 -20.02 -16.06 23.16
CA GLU B 123 -20.73 -17.32 22.96
C GLU B 123 -21.10 -17.61 21.51
N LYS B 124 -21.23 -16.57 20.71
CA LYS B 124 -21.60 -16.76 19.30
C LYS B 124 -20.85 -15.78 18.41
N VAL B 125 -20.12 -16.31 17.43
CA VAL B 125 -19.35 -15.46 16.53
C VAL B 125 -19.75 -15.63 15.06
N LEU B 126 -19.82 -14.52 14.35
CA LEU B 126 -20.13 -14.53 12.92
C LEU B 126 -18.77 -14.55 12.24
N ILE B 127 -18.54 -15.54 11.40
CA ILE B 127 -17.26 -15.65 10.69
C ILE B 127 -17.45 -15.40 9.20
N GLN B 128 -17.05 -14.21 8.75
CA GLN B 128 -17.16 -13.87 7.34
C GLN B 128 -15.87 -14.32 6.67
N HIS B 129 -15.99 -15.00 5.55
CA HIS B 129 -14.80 -15.53 4.87
C HIS B 129 -14.92 -15.50 3.36
N TRP B 130 -13.77 -15.48 2.68
CA TRP B 130 -13.77 -15.50 1.24
C TRP B 130 -14.06 -16.96 0.84
N PRO B 131 -14.35 -17.21 -0.44
CA PRO B 131 -14.64 -18.58 -0.87
C PRO B 131 -13.66 -19.65 -0.38
N LEU B 132 -14.19 -20.73 0.15
CA LEU B 132 -13.35 -21.81 0.66
C LEU B 132 -12.62 -22.55 -0.45
N SER B 133 -12.89 -22.15 -1.70
CA SER B 133 -12.22 -22.75 -2.85
C SER B 133 -10.78 -22.26 -2.84
N LEU B 134 -10.52 -21.20 -2.07
CA LEU B 134 -9.18 -20.65 -1.93
C LEU B 134 -8.56 -21.48 -0.82
N PRO B 135 -7.58 -22.34 -1.16
CA PRO B 135 -6.89 -23.22 -0.21
C PRO B 135 -6.41 -22.59 1.09
N THR B 136 -5.83 -21.40 1.01
CA THR B 136 -5.33 -20.76 2.23
C THR B 136 -6.47 -20.34 3.14
N ILE B 137 -7.60 -19.97 2.55
CA ILE B 137 -8.74 -19.56 3.36
C ILE B 137 -9.37 -20.80 3.98
N ARG B 138 -9.42 -21.90 3.23
CA ARG B 138 -9.98 -23.12 3.79
C ARG B 138 -9.16 -23.52 5.01
N GLU B 139 -7.84 -23.41 4.93
CA GLU B 139 -6.99 -23.76 6.07
C GLU B 139 -7.32 -22.86 7.26
N ARG B 140 -7.50 -21.57 7.00
CA ARG B 140 -7.80 -20.61 8.06
C ARG B 140 -9.14 -20.91 8.74
N ILE B 141 -10.19 -21.03 7.93
CA ILE B 141 -11.52 -21.28 8.46
C ILE B 141 -11.68 -22.63 9.15
N GLU B 142 -11.11 -23.69 8.58
CA GLU B 142 -11.20 -24.99 9.23
C GLU B 142 -10.56 -24.93 10.62
N ALA B 143 -9.48 -24.16 10.76
CA ALA B 143 -8.81 -24.04 12.05
C ALA B 143 -9.71 -23.24 12.99
N MET B 144 -10.42 -22.26 12.47
CA MET B 144 -11.34 -21.45 13.28
C MET B 144 -12.47 -22.29 13.85
N THR B 145 -13.12 -23.09 13.01
CA THR B 145 -14.23 -23.88 13.50
C THR B 145 -13.74 -24.95 14.48
N ALA B 146 -12.52 -25.44 14.28
CA ALA B 146 -11.97 -26.45 15.19
C ALA B 146 -11.76 -25.84 16.57
N GLU B 147 -11.16 -24.65 16.62
CA GLU B 147 -10.90 -23.98 17.89
C GLU B 147 -12.20 -23.51 18.52
N ALA B 148 -13.15 -23.05 17.70
CA ALA B 148 -14.42 -22.59 18.21
C ALA B 148 -15.14 -23.77 18.88
N SER B 149 -15.09 -24.93 18.23
CA SER B 149 -15.72 -26.13 18.77
C SER B 149 -15.06 -26.52 20.10
N LYS B 150 -13.73 -26.40 20.16
CA LYS B 150 -12.99 -26.73 21.36
C LYS B 150 -13.42 -25.86 22.54
N LEU B 151 -13.62 -24.57 22.27
CA LEU B 151 -13.99 -23.61 23.30
C LEU B 151 -15.51 -23.46 23.48
N LYS B 152 -16.27 -24.30 22.79
CA LYS B 152 -17.72 -24.27 22.86
C LYS B 152 -18.30 -22.91 22.49
N ILE B 153 -17.81 -22.34 21.40
CA ILE B 153 -18.31 -21.07 20.91
C ILE B 153 -19.10 -21.38 19.65
N ASP B 154 -20.38 -20.99 19.63
CA ASP B 154 -21.22 -21.24 18.45
C ASP B 154 -20.79 -20.28 17.36
N TYR B 155 -20.97 -20.69 16.11
CA TYR B 155 -20.58 -19.84 15.00
C TYR B 155 -21.43 -20.01 13.76
N LEU B 156 -21.37 -19.00 12.89
CA LEU B 156 -22.05 -19.04 11.61
C LEU B 156 -21.03 -18.64 10.58
N LEU B 157 -20.83 -19.51 9.59
CA LEU B 157 -19.89 -19.22 8.51
C LEU B 157 -20.66 -18.53 7.41
N GLU B 158 -20.15 -17.38 6.98
CA GLU B 158 -20.80 -16.61 5.91
C GLU B 158 -19.80 -16.26 4.81
N GLU B 159 -19.99 -16.83 3.62
CA GLU B 159 -19.11 -16.52 2.50
C GLU B 159 -19.39 -15.07 2.14
N THR B 160 -18.34 -14.31 1.86
CA THR B 160 -18.53 -12.91 1.54
C THR B 160 -17.75 -12.51 0.29
N PRO B 161 -18.18 -11.43 -0.39
CA PRO B 161 -17.51 -10.95 -1.60
C PRO B 161 -16.02 -10.70 -1.42
N GLU B 162 -15.26 -10.86 -2.50
CA GLU B 162 -13.81 -10.64 -2.45
C GLU B 162 -13.41 -9.19 -2.74
N ASN B 163 -14.26 -8.46 -3.44
CA ASN B 163 -13.93 -7.07 -3.77
C ASN B 163 -14.94 -6.05 -3.26
N ASN B 164 -15.63 -6.38 -2.18
CA ASN B 164 -16.64 -5.46 -1.64
C ASN B 164 -16.67 -5.37 -0.12
N PRO B 165 -15.70 -4.66 0.48
CA PRO B 165 -15.69 -4.53 1.94
C PRO B 165 -16.97 -3.87 2.45
N TYR B 166 -17.53 -2.98 1.63
CA TYR B 166 -18.75 -2.27 1.99
C TYR B 166 -19.94 -3.21 2.14
N ILE B 167 -20.19 -4.01 1.11
CA ILE B 167 -21.31 -4.94 1.14
C ILE B 167 -21.17 -5.93 2.30
N SER B 168 -19.94 -6.37 2.55
CA SER B 168 -19.70 -7.32 3.63
C SER B 168 -20.02 -6.69 4.97
N ALA B 169 -19.71 -5.40 5.10
CA ALA B 169 -19.98 -4.68 6.34
C ALA B 169 -21.48 -4.56 6.58
N GLN B 170 -22.24 -4.34 5.51
CA GLN B 170 -23.69 -4.22 5.66
C GLN B 170 -24.26 -5.56 6.12
N SER B 171 -23.81 -6.63 5.49
CA SER B 171 -24.28 -7.97 5.84
C SER B 171 -23.98 -8.26 7.31
N ALA B 172 -22.77 -7.91 7.72
CA ALA B 172 -22.32 -8.11 9.10
C ALA B 172 -23.20 -7.37 10.10
N LEU B 173 -23.41 -6.08 9.87
CA LEU B 173 -24.22 -5.30 10.79
C LEU B 173 -25.71 -5.66 10.77
N ASN B 174 -26.21 -6.09 9.62
CA ASN B 174 -27.63 -6.45 9.52
C ASN B 174 -28.00 -7.62 10.42
N LYS B 175 -27.02 -8.44 10.79
CA LYS B 175 -27.30 -9.58 11.66
C LYS B 175 -26.46 -9.54 12.93
N SER B 176 -25.77 -8.43 13.17
CA SER B 176 -24.92 -8.30 14.35
C SER B 176 -25.65 -8.50 15.67
N ASN B 177 -26.95 -8.22 15.67
CA ASN B 177 -27.75 -8.34 16.89
C ASN B 177 -27.88 -9.79 17.32
N GLN B 178 -27.51 -10.71 16.45
CA GLN B 178 -27.58 -12.14 16.75
C GLN B 178 -26.24 -12.73 17.15
N PHE B 179 -25.22 -11.89 17.24
CA PHE B 179 -23.88 -12.35 17.58
C PHE B 179 -23.19 -11.50 18.66
N ASP B 180 -22.18 -12.09 19.31
CA ASP B 180 -21.43 -11.40 20.35
C ASP B 180 -20.08 -10.94 19.81
N ALA B 181 -19.73 -11.43 18.63
CA ALA B 181 -18.46 -11.09 18.01
C ALA B 181 -18.50 -11.38 16.53
N ILE B 182 -17.64 -10.72 15.78
CA ILE B 182 -17.55 -10.91 14.34
C ILE B 182 -16.08 -11.00 13.95
N ILE B 183 -15.77 -11.97 13.11
CA ILE B 183 -14.42 -12.16 12.60
C ILE B 183 -14.59 -12.01 11.10
N THR B 184 -13.82 -11.13 10.48
CA THR B 184 -13.94 -10.94 9.03
C THR B 184 -12.65 -11.20 8.27
N VAL B 185 -12.70 -11.11 6.94
CA VAL B 185 -11.57 -11.45 6.08
C VAL B 185 -10.25 -10.73 6.26
N ASN B 186 -10.28 -9.42 6.51
CA ASN B 186 -9.05 -8.68 6.73
C ASN B 186 -9.33 -7.37 7.47
N ASP B 187 -8.30 -6.60 7.74
CA ASP B 187 -8.47 -5.35 8.49
C ASP B 187 -9.25 -4.26 7.76
N LEU B 188 -9.23 -4.25 6.43
CA LEU B 188 -9.98 -3.25 5.69
C LEU B 188 -11.47 -3.54 5.88
N TYR B 189 -11.81 -4.82 5.82
CA TYR B 189 -13.20 -5.21 6.03
C TYR B 189 -13.59 -4.88 7.47
N ALA B 190 -12.67 -5.09 8.41
CA ALA B 190 -12.95 -4.80 9.82
C ALA B 190 -13.19 -3.30 10.00
N ALA B 191 -12.38 -2.50 9.33
CA ALA B 191 -12.51 -1.05 9.42
C ALA B 191 -13.84 -0.58 8.88
N GLU B 192 -14.32 -1.25 7.82
CA GLU B 192 -15.60 -0.91 7.23
C GLU B 192 -16.72 -1.25 8.21
N ILE B 193 -16.52 -2.33 8.96
CA ILE B 193 -17.54 -2.75 9.94
C ILE B 193 -17.61 -1.72 11.06
N ILE B 194 -16.45 -1.23 11.51
CA ILE B 194 -16.41 -0.22 12.57
C ILE B 194 -17.13 1.03 12.08
N LYS B 195 -16.87 1.40 10.83
CA LYS B 195 -17.47 2.59 10.23
C LYS B 195 -18.99 2.46 10.09
N GLU B 196 -19.45 1.29 9.68
CA GLU B 196 -20.89 1.07 9.52
C GLU B 196 -21.54 0.99 10.89
N ALA B 197 -20.82 0.43 11.87
CA ALA B 197 -21.34 0.31 13.23
C ALA B 197 -21.58 1.70 13.79
N LYS B 198 -20.70 2.64 13.46
CA LYS B 198 -20.83 4.02 13.94
C LYS B 198 -22.05 4.65 13.31
N ARG B 199 -22.31 4.31 12.04
CA ARG B 199 -23.47 4.86 11.33
C ARG B 199 -24.76 4.43 12.00
N ARG B 200 -24.75 3.26 12.63
CA ARG B 200 -25.94 2.74 13.30
C ARG B 200 -25.92 2.92 14.82
N ASN B 201 -25.04 3.79 15.30
CA ASN B 201 -24.91 4.06 16.73
C ASN B 201 -24.64 2.82 17.58
N LEU B 202 -23.77 1.96 17.07
CA LEU B 202 -23.38 0.74 17.77
C LEU B 202 -21.91 0.90 18.09
N LYS B 203 -21.46 0.31 19.19
CA LYS B 203 -20.06 0.41 19.59
C LYS B 203 -19.36 -0.94 19.67
N ILE B 204 -18.07 -0.90 19.36
CA ILE B 204 -17.21 -2.08 19.39
C ILE B 204 -16.13 -1.76 20.40
N PRO B 205 -15.82 -2.70 21.31
CA PRO B 205 -16.38 -4.05 21.48
C PRO B 205 -17.69 -4.13 22.27
N ASP B 206 -18.20 -3.00 22.71
CA ASP B 206 -19.42 -2.94 23.50
C ASP B 206 -20.55 -3.86 23.03
N ASP B 207 -21.00 -3.67 21.78
CA ASP B 207 -22.08 -4.48 21.24
C ASP B 207 -21.60 -5.81 20.68
N PHE B 208 -20.35 -5.84 20.22
CA PHE B 208 -19.75 -7.06 19.71
C PHE B 208 -18.27 -6.85 19.50
N GLN B 209 -17.49 -7.91 19.66
CA GLN B 209 -16.04 -7.83 19.46
C GLN B 209 -15.76 -8.02 17.98
N LEU B 210 -14.55 -7.64 17.57
CA LEU B 210 -14.19 -7.73 16.16
C LEU B 210 -12.75 -8.13 15.96
N VAL B 211 -12.51 -9.02 14.99
CA VAL B 211 -11.15 -9.46 14.67
C VAL B 211 -10.95 -9.39 13.15
N GLY B 212 -9.79 -8.89 12.73
CA GLY B 212 -9.50 -8.79 11.31
C GLY B 212 -8.35 -9.72 10.94
N TYR B 213 -7.55 -9.34 9.94
CA TYR B 213 -6.42 -10.15 9.51
C TYR B 213 -5.51 -9.29 8.63
N ASP B 214 -4.19 -9.46 8.79
CA ASP B 214 -3.16 -8.73 8.01
C ASP B 214 -2.33 -7.71 8.79
N ASN B 215 -2.86 -7.23 9.91
CA ASN B 215 -2.20 -6.20 10.71
C ASN B 215 -1.83 -4.98 9.88
N ASN B 216 -2.80 -4.48 9.12
CA ASN B 216 -2.62 -3.29 8.28
C ASN B 216 -2.32 -2.11 9.18
N ILE B 217 -1.62 -1.11 8.64
CA ILE B 217 -1.27 0.08 9.40
C ILE B 217 -2.48 0.73 10.07
N LEU B 218 -3.64 0.67 9.42
CA LEU B 218 -4.84 1.29 9.97
C LEU B 218 -5.34 0.72 11.29
N CYS B 219 -4.91 -0.49 11.65
CA CYS B 219 -5.36 -1.10 12.90
C CYS B 219 -5.09 -0.23 14.12
N GLY B 220 -3.99 0.52 14.09
CA GLY B 220 -3.67 1.34 15.23
C GLY B 220 -4.25 2.74 15.20
N TYR B 221 -4.99 3.08 14.15
CA TYR B 221 -5.56 4.41 14.04
C TYR B 221 -7.08 4.48 14.06
N THR B 222 -7.73 3.32 14.09
CA THR B 222 -9.19 3.30 14.13
C THR B 222 -9.63 3.34 15.58
N SER B 223 -10.93 3.59 15.79
CA SER B 223 -11.49 3.62 17.13
C SER B 223 -12.69 2.68 17.10
N PRO B 224 -12.58 1.51 17.74
CA PRO B 224 -11.41 0.97 18.47
C PRO B 224 -10.28 0.47 17.58
N THR B 225 -9.10 0.31 18.16
CA THR B 225 -7.96 -0.22 17.43
C THR B 225 -8.33 -1.68 17.16
N ILE B 226 -7.88 -2.22 16.04
CA ILE B 226 -8.24 -3.57 15.61
C ILE B 226 -7.37 -4.76 15.99
N SER B 227 -7.97 -5.76 16.63
CA SER B 227 -7.25 -6.99 16.98
C SER B 227 -7.13 -7.75 15.66
N THR B 228 -5.97 -8.35 15.43
CA THR B 228 -5.75 -8.99 14.14
C THR B 228 -4.64 -10.04 14.17
N ILE B 229 -4.30 -10.54 12.98
CA ILE B 229 -3.23 -11.52 12.83
C ILE B 229 -2.21 -10.96 11.84
N ASP B 230 -0.95 -10.91 12.24
CA ASP B 230 0.11 -10.42 11.36
C ASP B 230 0.76 -11.66 10.76
N GLN B 231 0.69 -11.82 9.43
CA GLN B 231 1.31 -13.00 8.85
C GLN B 231 2.72 -12.73 8.31
N ASN B 232 3.32 -11.63 8.78
CA ASN B 232 4.69 -11.25 8.41
C ASN B 232 4.99 -11.36 6.92
N PRO B 233 4.27 -10.59 6.09
CA PRO B 233 4.49 -10.65 4.65
C PRO B 233 5.93 -10.35 4.20
N LYS B 234 6.65 -9.49 4.91
CA LYS B 234 8.03 -9.20 4.52
C LYS B 234 8.84 -10.50 4.62
N LEU B 235 8.60 -11.27 5.67
CA LEU B 235 9.32 -12.53 5.85
C LEU B 235 8.92 -13.52 4.77
N ILE B 236 7.65 -13.50 4.40
CA ILE B 236 7.16 -14.40 3.36
C ILE B 236 7.94 -14.10 2.08
N GLY B 237 8.11 -12.81 1.78
CA GLY B 237 8.83 -12.41 0.59
C GLY B 237 10.32 -12.74 0.65
N GLN B 238 10.97 -12.44 1.77
CA GLN B 238 12.40 -12.73 1.90
C GLN B 238 12.64 -14.22 1.74
N THR B 239 11.78 -15.02 2.36
CA THR B 239 11.92 -16.47 2.29
C THR B 239 11.69 -16.99 0.88
N ALA B 240 10.72 -16.42 0.17
CA ALA B 240 10.48 -16.83 -1.20
C ALA B 240 11.75 -16.61 -2.02
N ALA B 241 12.40 -15.46 -1.82
CA ALA B 241 13.64 -15.14 -2.54
C ALA B 241 14.77 -16.10 -2.16
N HIS B 242 14.93 -16.37 -0.87
CA HIS B 242 15.98 -17.28 -0.44
C HIS B 242 15.79 -18.68 -1.02
N ARG B 243 14.55 -19.17 -0.98
CA ARG B 243 14.28 -20.51 -1.50
C ARG B 243 14.49 -20.54 -3.02
N LEU B 244 14.19 -19.43 -3.70
CA LEU B 244 14.38 -19.38 -5.15
C LEU B 244 15.87 -19.43 -5.46
N LEU B 245 16.67 -18.68 -4.71
CA LEU B 245 18.12 -18.68 -4.95
C LEU B 245 18.68 -20.08 -4.72
N ASP B 246 18.10 -20.83 -3.77
CA ASP B 246 18.55 -22.20 -3.48
C ASP B 246 18.27 -23.09 -4.69
N LEU B 247 17.07 -22.95 -5.25
CA LEU B 247 16.70 -23.74 -6.43
C LEU B 247 17.61 -23.41 -7.60
N MET B 248 17.98 -22.13 -7.69
CA MET B 248 18.85 -21.65 -8.75
C MET B 248 20.28 -22.10 -8.50
N SER B 249 20.50 -22.73 -7.34
CA SER B 249 21.82 -23.20 -6.96
C SER B 249 21.91 -24.72 -6.90
N GLY B 250 21.01 -25.41 -7.60
CA GLY B 250 21.07 -26.86 -7.62
C GLY B 250 20.43 -27.61 -6.46
N ASN B 251 19.82 -26.88 -5.53
CA ASN B 251 19.15 -27.51 -4.39
C ASN B 251 17.76 -27.87 -4.86
N ASN B 252 17.53 -29.17 -5.10
CA ASN B 252 16.23 -29.63 -5.61
C ASN B 252 15.15 -29.99 -4.61
N SER B 253 15.36 -29.73 -3.33
CA SER B 253 14.33 -30.03 -2.33
C SER B 253 13.06 -29.27 -2.68
N THR B 254 11.90 -29.93 -2.52
CA THR B 254 10.63 -29.29 -2.83
C THR B 254 9.80 -29.05 -1.56
N ARG B 255 10.43 -29.18 -0.40
CA ARG B 255 9.75 -28.97 0.86
C ARG B 255 9.27 -27.53 0.96
N ASN B 256 8.16 -27.32 1.65
CA ASN B 256 7.60 -25.98 1.81
C ASN B 256 8.21 -25.28 3.03
N SER B 257 8.24 -23.95 2.98
CA SER B 257 8.72 -23.15 4.11
C SER B 257 7.46 -22.68 4.82
N ILE B 258 7.34 -22.97 6.11
CA ILE B 258 6.17 -22.54 6.86
C ILE B 258 6.55 -21.28 7.64
N ILE B 259 5.78 -20.20 7.44
CA ILE B 259 6.06 -18.94 8.10
C ILE B 259 5.08 -18.71 9.25
N ASP B 260 5.63 -18.42 10.42
CA ASP B 260 4.82 -18.19 11.62
C ASP B 260 3.96 -16.93 11.49
N VAL B 261 2.92 -16.85 12.33
CA VAL B 261 2.03 -15.71 12.35
C VAL B 261 2.03 -15.16 13.77
N LEU B 262 1.54 -13.94 13.94
CA LEU B 262 1.53 -13.32 15.26
C LEU B 262 0.19 -12.66 15.57
N PRO B 263 -0.54 -13.19 16.55
CA PRO B 263 -1.84 -12.57 16.87
C PRO B 263 -1.59 -11.30 17.67
N ILE B 264 -2.36 -10.25 17.37
CA ILE B 264 -2.19 -8.99 18.06
C ILE B 264 -3.49 -8.54 18.69
N LYS B 265 -3.52 -8.46 20.00
CA LYS B 265 -4.72 -8.04 20.70
C LYS B 265 -4.76 -6.53 20.85
N ARG B 266 -5.86 -5.93 20.41
CA ARG B 266 -6.04 -4.49 20.52
C ARG B 266 -7.40 -4.23 21.15
N ASP B 267 -7.89 -3.01 21.09
CA ASP B 267 -9.15 -2.68 21.75
C ASP B 267 -10.43 -3.31 21.23
N SER B 268 -10.44 -3.80 19.99
CA SER B 268 -11.66 -4.37 19.45
C SER B 268 -12.06 -5.71 20.08
N THR B 269 -11.18 -6.31 20.87
CA THR B 269 -11.51 -7.57 21.56
C THR B 269 -11.26 -7.46 23.06
N GLU B 270 -11.32 -6.25 23.59
CA GLU B 270 -11.12 -6.05 25.01
C GLU B 270 -12.42 -6.32 25.76
N GLY B 271 -12.38 -7.21 26.73
CA GLY B 271 -13.57 -7.54 27.49
C GLY B 271 -13.59 -6.91 28.87
#